data_8BYK
#
_entry.id   8BYK
#
_cell.length_a   54.140
_cell.length_b   66.119
_cell.length_c   117.258
_cell.angle_alpha   90.000
_cell.angle_beta   90.000
_cell.angle_gamma   90.000
#
_symmetry.space_group_name_H-M   'P 21 21 21'
#
loop_
_entity.id
_entity.type
_entity.pdbx_description
1 polymer 'Lanthionine synthetase C-like protein'
2 non-polymer 'ZINC ION'
3 non-polymer 'SODIUM ION'
4 non-polymer (4S)-2-METHYL-2,4-PENTANEDIOL
5 non-polymer 'ACETATE ION'
6 non-polymer 'CHLORIDE ION'
7 water water
#
_entity_poly.entity_id   1
_entity_poly.type   'polypeptide(L)'
_entity_poly.pdbx_seq_one_letter_code
;SHMMRNRSVRNIVWDIGEKLSDYEKVKEIVNNEKNYINFEGNFLNPFNELSLSHGIPALCVLYGELNEQYPEQGWDVIGH
EYMKRMGEYIEEKGITSLSMFSGVSGIGLSAVCLSNNRSRYGNFISSMNSFIEENIPGFIEILRNKESLNMSDYDVIEGV
CGIANYCMLFPNNEEMKQALRLIVGYIIELCKDKTINGLVLPGWYISAENQFSKVDQKLWPEGCFNIGLSHGVPGMLLVL
CNSTKCGIHLEDQDDSINKLVDFLIKFHISNDKENYWGSHISLEEYREGKVNSTNSRDAWCYGTPGAAYSVLIAGKYLNN
MEYIDEAVNAMKGAINRLRDIYSPTFCHGFSGIAYISNRFYEVTKQQDFKKAAIDLTDKILELYDEKAPFGFYNMEKSEE
GMDYLDYIGIIDGVTGIILTLLAIENGKKTPWDCAFSLQEVAAAHHAAA
;
_entity_poly.pdbx_strand_id   A
#
loop_
_chem_comp.id
_chem_comp.type
_chem_comp.name
_chem_comp.formula
ACT non-polymer 'ACETATE ION' 'C2 H3 O2 -1'
CL non-polymer 'CHLORIDE ION' 'Cl -1'
MPD non-polymer (4S)-2-METHYL-2,4-PENTANEDIOL 'C6 H14 O2'
NA non-polymer 'SODIUM ION' 'Na 1'
ZN non-polymer 'ZINC ION' 'Zn 2'
#
# COMPACT_ATOMS: atom_id res chain seq x y z
N SER A 1 -23.19 -11.57 18.28
CA SER A 1 -24.10 -10.65 17.55
C SER A 1 -23.27 -9.88 16.55
N HIS A 2 -23.72 -9.90 15.28
CA HIS A 2 -23.19 -8.93 14.26
C HIS A 2 -23.39 -7.49 14.86
N MET A 3 -24.50 -7.31 15.61
CA MET A 3 -24.89 -6.03 16.34
C MET A 3 -24.01 -5.55 17.56
N MET A 4 -23.49 -6.42 18.43
CA MET A 4 -22.64 -5.99 19.56
C MET A 4 -21.29 -5.55 18.90
N ARG A 5 -20.93 -6.23 17.79
CA ARG A 5 -19.65 -5.94 17.15
C ARG A 5 -19.78 -4.54 16.61
N ASN A 6 -20.91 -4.31 15.95
CA ASN A 6 -21.05 -3.00 15.29
C ASN A 6 -20.97 -1.85 16.27
N ARG A 7 -21.64 -2.02 17.39
CA ARG A 7 -21.68 -0.96 18.38
C ARG A 7 -20.29 -0.71 19.00
N SER A 8 -19.55 -1.79 19.18
CA SER A 8 -18.26 -1.67 19.78
C SER A 8 -17.34 -0.94 18.81
N VAL A 9 -17.41 -1.26 17.52
CA VAL A 9 -16.58 -0.55 16.55
C VAL A 9 -16.96 0.91 16.64
N ARG A 10 -18.26 1.19 16.63
CA ARG A 10 -18.65 2.58 16.58
C ARG A 10 -18.11 3.35 17.77
N ASN A 11 -18.21 2.80 18.98
CA ASN A 11 -17.78 3.47 20.26
C ASN A 11 -16.26 3.69 20.25
N ILE A 12 -15.52 2.69 19.75
CA ILE A 12 -14.08 2.79 19.71
C ILE A 12 -13.67 3.89 18.76
N VAL A 13 -14.21 3.91 17.51
CA VAL A 13 -13.75 4.88 16.54
C VAL A 13 -14.14 6.27 16.95
N TRP A 14 -15.29 6.39 17.59
CA TRP A 14 -15.72 7.68 18.08
C TRP A 14 -14.79 8.20 19.14
N ASP A 15 -14.36 7.33 20.02
CA ASP A 15 -13.51 7.72 21.11
C ASP A 15 -12.13 8.15 20.60
N ILE A 16 -11.59 7.37 19.66
CA ILE A 16 -10.28 7.72 19.09
C ILE A 16 -10.40 8.98 18.21
N GLY A 17 -11.47 9.08 17.45
CA GLY A 17 -11.74 10.32 16.69
C GLY A 17 -11.65 11.57 17.58
N GLU A 18 -12.21 11.48 18.79
CA GLU A 18 -12.18 12.53 19.79
C GLU A 18 -10.78 12.75 20.25
N LYS A 19 -10.10 11.67 20.57
CA LYS A 19 -8.76 11.80 21.11
C LYS A 19 -7.77 12.44 20.13
N LEU A 20 -7.97 12.21 18.82
CA LEU A 20 -7.09 12.78 17.77
C LEU A 20 -7.48 14.21 17.31
N SER A 21 -8.52 14.80 17.85
CA SER A 21 -9.08 16.02 17.34
C SER A 21 -8.23 17.28 17.67
N ASP A 22 -7.45 17.21 18.73
CA ASP A 22 -6.63 18.31 19.27
C ASP A 22 -5.18 18.05 18.85
N TYR A 23 -4.78 18.69 17.74
CA TYR A 23 -3.42 18.50 17.17
C TYR A 23 -2.30 18.78 18.25
N GLU A 24 -2.41 19.82 19.08
CA GLU A 24 -1.38 20.05 20.12
C GLU A 24 -1.20 18.81 21.12
N LYS A 25 -2.30 18.17 21.58
CA LYS A 25 -2.22 16.95 22.47
C LYS A 25 -1.63 15.74 21.69
N VAL A 26 -2.01 15.64 20.41
CA VAL A 26 -1.53 14.60 19.50
C VAL A 26 -0.03 14.77 19.39
N LYS A 27 0.42 15.98 19.07
CA LYS A 27 1.85 16.22 18.98
C LYS A 27 2.59 15.85 20.25
N GLU A 28 2.03 16.21 21.42
CA GLU A 28 2.66 15.93 22.78
C GLU A 28 2.87 14.41 22.90
N ILE A 29 1.86 13.65 22.53
CA ILE A 29 1.93 12.20 22.65
C ILE A 29 3.01 11.65 21.65
N VAL A 30 2.77 11.95 20.38
CA VAL A 30 3.54 11.44 19.23
C VAL A 30 5.03 11.83 19.30
N ASN A 31 5.36 13.10 19.55
CA ASN A 31 6.81 13.51 19.52
C ASN A 31 7.57 13.26 20.86
N ASN A 32 7.00 12.45 21.72
CA ASN A 32 7.56 12.15 23.02
C ASN A 32 8.65 11.01 23.09
N ASN A 45 11.94 12.04 14.89
CA ASN A 45 11.19 10.80 14.79
C ASN A 45 10.41 10.79 13.44
N PRO A 46 9.71 9.66 13.11
CA PRO A 46 8.97 9.46 11.78
C PRO A 46 7.95 10.59 11.29
N PHE A 47 7.56 11.44 12.27
CA PHE A 47 6.60 12.56 12.07
C PHE A 47 7.16 13.65 11.08
N ASN A 48 6.91 13.41 9.79
CA ASN A 48 6.93 14.47 8.76
C ASN A 48 5.44 14.83 8.78
N GLU A 49 5.16 16.04 9.17
CA GLU A 49 3.78 16.47 9.29
C GLU A 49 2.98 16.45 8.01
N LEU A 50 3.66 16.48 6.87
CA LEU A 50 2.97 16.43 5.59
C LEU A 50 2.96 15.05 4.97
N SER A 51 3.38 14.03 5.71
CA SER A 51 3.33 12.62 5.18
C SER A 51 2.03 11.97 5.46
N LEU A 52 1.54 11.28 4.44
CA LEU A 52 0.39 10.39 4.67
C LEU A 52 0.80 9.28 5.62
N SER A 53 2.05 8.81 5.51
CA SER A 53 2.48 7.71 6.36
C SER A 53 2.25 7.93 7.88
N HIS A 54 2.57 9.17 8.36
CA HIS A 54 2.64 9.50 9.77
C HIS A 54 2.02 10.82 10.20
N GLY A 55 1.61 11.66 9.27
CA GLY A 55 1.32 13.05 9.56
C GLY A 55 -0.10 13.47 9.34
N ILE A 56 -0.25 14.77 9.10
CA ILE A 56 -1.58 15.36 9.02
C ILE A 56 -2.47 14.80 7.89
N PRO A 57 -1.90 14.42 6.72
CA PRO A 57 -2.76 13.83 5.71
C PRO A 57 -3.48 12.55 6.22
N ALA A 58 -2.83 11.78 7.11
CA ALA A 58 -3.51 10.57 7.62
C ALA A 58 -4.72 11.02 8.43
N LEU A 59 -4.58 12.07 9.22
CA LEU A 59 -5.73 12.57 9.98
C LEU A 59 -6.86 13.13 9.13
N CYS A 60 -6.53 13.75 7.98
CA CYS A 60 -7.53 14.19 7.06
C CYS A 60 -8.31 12.97 6.50
N VAL A 61 -7.59 11.93 6.14
CA VAL A 61 -8.27 10.71 5.70
C VAL A 61 -9.23 10.17 6.81
N LEU A 62 -8.74 10.12 8.02
CA LEU A 62 -9.52 9.67 9.10
C LEU A 62 -10.85 10.41 9.22
N TYR A 63 -10.74 11.71 9.32
CA TYR A 63 -11.97 12.46 9.51
C TYR A 63 -12.89 12.45 8.37
N GLY A 64 -12.40 12.31 7.16
CA GLY A 64 -13.20 12.15 5.96
C GLY A 64 -14.03 10.85 6.04
N GLU A 65 -13.30 9.80 6.34
CA GLU A 65 -14.02 8.49 6.50
C GLU A 65 -15.07 8.62 7.59
N LEU A 66 -14.72 9.14 8.77
CA LEU A 66 -15.66 9.33 9.84
C LEU A 66 -16.85 10.17 9.48
N ASN A 67 -16.64 11.27 8.77
CA ASN A 67 -17.77 12.10 8.37
C ASN A 67 -18.70 11.34 7.41
N GLU A 68 -18.14 10.53 6.53
CA GLU A 68 -19.00 9.80 5.60
C GLU A 68 -19.71 8.64 6.27
N GLN A 69 -19.04 8.03 7.24
CA GLN A 69 -19.67 6.92 7.92
C GLN A 69 -20.75 7.46 8.84
N TYR A 70 -20.51 8.62 9.45
CA TYR A 70 -21.35 9.18 10.56
C TYR A 70 -21.64 10.60 10.28
N PRO A 71 -22.43 10.88 9.19
CA PRO A 71 -22.70 12.25 8.80
C PRO A 71 -23.41 13.08 9.90
N GLU A 72 -23.25 14.38 9.79
CA GLU A 72 -23.96 15.29 10.67
C GLU A 72 -23.56 15.22 12.13
N GLN A 73 -22.34 14.78 12.39
CA GLN A 73 -21.87 14.66 13.76
C GLN A 73 -20.70 15.60 13.98
N GLY A 74 -20.24 16.35 12.95
CA GLY A 74 -19.16 17.32 13.14
C GLY A 74 -17.80 16.78 12.84
N TRP A 75 -17.68 15.54 12.34
CA TRP A 75 -16.32 15.04 12.02
C TRP A 75 -15.66 15.87 10.89
N ASP A 76 -16.47 16.35 9.93
CA ASP A 76 -15.96 17.24 8.92
C ASP A 76 -15.41 18.58 9.43
N VAL A 77 -15.94 19.06 10.57
CA VAL A 77 -15.43 20.26 11.18
C VAL A 77 -14.00 20.04 11.71
N ILE A 78 -13.78 18.90 12.37
CA ILE A 78 -12.44 18.55 12.82
C ILE A 78 -11.54 18.34 11.60
N GLY A 79 -12.00 17.64 10.59
CA GLY A 79 -11.19 17.48 9.42
C GLY A 79 -10.76 18.79 8.81
N HIS A 80 -11.65 19.75 8.80
CA HIS A 80 -11.36 21.01 8.21
C HIS A 80 -10.29 21.75 8.94
N GLU A 81 -10.22 21.64 10.25
CA GLU A 81 -9.08 22.12 11.03
C GLU A 81 -7.73 21.61 10.55
N TYR A 82 -7.71 20.29 10.29
CA TYR A 82 -6.53 19.67 9.75
C TYR A 82 -6.19 20.12 8.34
N MET A 83 -7.19 20.21 7.47
CA MET A 83 -7.00 20.73 6.09
C MET A 83 -6.33 22.12 6.16
N LYS A 84 -6.91 23.03 6.91
CA LYS A 84 -6.31 24.35 7.12
C LYS A 84 -4.85 24.32 7.50
N ARG A 85 -4.56 23.58 8.54
CA ARG A 85 -3.18 23.41 8.98
C ARG A 85 -2.24 22.81 7.90
N MET A 86 -2.66 21.77 7.19
CA MET A 86 -1.90 21.22 6.08
C MET A 86 -1.64 22.36 5.04
N GLY A 87 -2.65 23.17 4.71
CA GLY A 87 -2.47 24.17 3.66
C GLY A 87 -1.43 25.21 4.08
N GLU A 88 -1.49 25.57 5.38
CA GLU A 88 -0.53 26.52 5.98
C GLU A 88 0.90 25.96 5.90
N TYR A 89 1.04 24.70 6.24
CA TYR A 89 2.33 24.07 6.22
C TYR A 89 2.90 24.02 4.78
N ILE A 90 2.05 23.69 3.83
CA ILE A 90 2.47 23.66 2.40
C ILE A 90 2.92 25.08 1.97
N GLU A 91 2.13 26.11 2.27
CA GLU A 91 2.49 27.51 1.93
C GLU A 91 3.88 27.89 2.60
N GLU A 92 4.14 27.38 3.82
CA GLU A 92 5.36 27.76 4.55
C GLU A 92 6.63 27.00 4.05
N LYS A 93 6.48 25.69 3.92
CA LYS A 93 7.58 24.72 3.79
C LYS A 93 7.74 24.23 2.32
N GLY A 94 6.69 24.38 1.51
CA GLY A 94 6.61 23.90 0.15
C GLY A 94 6.42 22.36 0.13
N ILE A 95 6.47 21.77 -1.04
CA ILE A 95 6.56 20.30 -1.14
C ILE A 95 7.27 19.95 -2.53
N THR A 96 8.27 19.10 -2.77
CA THR A 96 9.32 18.34 -1.96
C THR A 96 9.43 16.92 -2.49
N SER A 97 8.28 16.34 -2.80
CA SER A 97 8.10 14.93 -3.27
C SER A 97 6.73 14.80 -3.92
N LEU A 98 6.65 13.94 -4.93
CA LEU A 98 5.39 13.58 -5.54
C LEU A 98 4.70 12.34 -4.89
N SER A 99 5.40 11.68 -3.93
CA SER A 99 5.03 10.33 -3.60
C SER A 99 3.72 10.24 -2.77
N MET A 100 3.21 8.97 -2.81
CA MET A 100 2.03 8.66 -2.03
C MET A 100 2.23 8.79 -0.51
N PHE A 101 3.36 8.28 0.01
CA PHE A 101 3.49 8.23 1.44
C PHE A 101 4.12 9.48 2.06
N SER A 102 4.91 10.24 1.22
CA SER A 102 5.65 11.41 1.73
C SER A 102 5.37 12.72 1.02
N GLY A 103 4.61 12.69 -0.09
CA GLY A 103 4.46 13.80 -0.96
C GLY A 103 3.09 14.11 -1.46
N VAL A 104 3.04 14.74 -2.66
CA VAL A 104 1.81 15.32 -3.15
C VAL A 104 0.74 14.27 -3.32
N SER A 105 1.09 13.11 -3.84
CA SER A 105 0.02 12.09 -4.10
C SER A 105 -0.73 11.79 -2.78
N GLY A 106 -0.02 11.64 -1.64
CA GLY A 106 -0.69 11.39 -0.38
C GLY A 106 -1.50 12.53 0.17
N ILE A 107 -0.94 13.76 -0.09
CA ILE A 107 -1.70 14.93 0.33
C ILE A 107 -2.99 15.04 -0.46
N GLY A 108 -2.88 14.84 -1.82
CA GLY A 108 -4.06 14.84 -2.71
C GLY A 108 -5.08 13.76 -2.30
N LEU A 109 -4.56 12.56 -2.01
CA LEU A 109 -5.47 11.46 -1.63
C LEU A 109 -6.21 11.95 -0.39
N SER A 110 -5.54 12.54 0.61
CA SER A 110 -6.17 12.91 1.84
C SER A 110 -7.29 13.94 1.57
N ALA A 111 -7.05 14.90 0.65
CA ALA A 111 -8.12 15.85 0.27
C ALA A 111 -9.27 15.17 -0.39
N VAL A 112 -9.01 14.22 -1.30
CA VAL A 112 -10.13 13.47 -1.89
C VAL A 112 -10.92 12.71 -0.81
N CYS A 113 -10.23 12.14 0.18
CA CYS A 113 -10.94 11.45 1.27
C CYS A 113 -11.71 12.39 2.19
N LEU A 114 -11.39 13.68 2.22
CA LEU A 114 -12.12 14.66 2.96
C LEU A 114 -13.07 15.48 2.07
N SER A 115 -13.23 15.07 0.81
CA SER A 115 -14.01 15.88 -0.11
C SER A 115 -15.48 15.76 0.00
N ASN A 116 -15.94 14.82 0.85
CA ASN A 116 -17.39 14.58 1.02
C ASN A 116 -17.99 14.25 -0.34
N ASN A 117 -17.52 13.12 -0.88
CA ASN A 117 -18.00 12.67 -2.22
C ASN A 117 -17.84 13.72 -3.28
N ARG A 118 -16.63 14.33 -3.26
CA ARG A 118 -16.18 15.22 -4.29
C ARG A 118 -17.16 16.43 -4.38
N SER A 119 -17.36 17.03 -3.21
CA SER A 119 -18.14 18.25 -3.12
C SER A 119 -17.32 19.38 -2.49
N ARG A 120 -16.18 19.09 -1.85
CA ARG A 120 -15.40 20.07 -1.11
C ARG A 120 -13.95 19.96 -1.51
N TYR A 121 -13.23 21.04 -1.35
CA TYR A 121 -11.79 21.07 -1.55
C TYR A 121 -11.38 20.87 -2.97
N GLY A 122 -12.24 21.23 -3.91
CA GLY A 122 -11.97 21.10 -5.29
C GLY A 122 -10.72 21.93 -5.74
N ASN A 123 -10.61 23.15 -5.19
CA ASN A 123 -9.48 23.97 -5.58
C ASN A 123 -8.17 23.29 -5.14
N PHE A 124 -8.13 22.84 -3.90
CA PHE A 124 -6.94 22.13 -3.36
C PHE A 124 -6.57 20.93 -4.17
N ILE A 125 -7.57 20.09 -4.43
CA ILE A 125 -7.32 18.90 -5.24
C ILE A 125 -6.84 19.22 -6.64
N SER A 126 -7.41 20.28 -7.27
N SER A 126 -7.39 20.29 -7.28
CA SER A 126 -7.01 20.77 -8.52
CA SER A 126 -6.94 20.66 -8.57
CA SER A 126 -6.93 20.49 -9.38
C SER A 126 -5.49 21.17 -8.56
C SER A 126 -5.47 21.15 -8.56
N SER A 127 -5.12 21.81 -7.46
CA SER A 127 -3.71 22.27 -7.31
C SER A 127 -2.75 21.07 -7.22
N MET A 128 -3.18 20.07 -6.48
CA MET A 128 -2.33 18.89 -6.36
C MET A 128 -2.20 18.18 -7.68
N ASN A 129 -3.32 18.03 -8.35
CA ASN A 129 -3.33 17.43 -9.68
C ASN A 129 -2.42 18.17 -10.69
N SER A 130 -2.58 19.51 -10.69
N SER A 130 -2.55 19.50 -10.76
N SER A 130 -2.55 19.51 -10.70
CA SER A 130 -1.75 20.33 -11.55
CA SER A 130 -1.67 20.24 -11.66
CA SER A 130 -1.67 20.33 -11.53
C SER A 130 -0.21 20.10 -11.28
C SER A 130 -0.18 20.04 -11.32
C SER A 130 -0.20 20.05 -11.30
N PHE A 131 0.16 19.96 -10.00
CA PHE A 131 1.52 19.74 -9.67
C PHE A 131 2.00 18.39 -10.17
N ILE A 132 1.16 17.35 -10.00
N ILE A 132 1.20 17.35 -10.01
CA ILE A 132 1.54 16.06 -10.56
CA ILE A 132 1.58 16.06 -10.57
C ILE A 132 1.68 16.06 -12.06
C ILE A 132 1.68 16.04 -12.07
N GLU A 133 0.70 16.67 -12.68
CA GLU A 133 0.70 16.69 -14.15
C GLU A 133 1.96 17.45 -14.71
N GLU A 134 2.29 18.57 -14.06
CA GLU A 134 3.43 19.39 -14.49
C GLU A 134 4.75 18.74 -14.21
N ASN A 135 4.86 18.01 -13.07
CA ASN A 135 6.13 17.50 -12.58
C ASN A 135 6.45 16.11 -13.13
N ILE A 136 5.43 15.32 -13.42
N ILE A 136 5.43 15.30 -13.40
CA ILE A 136 5.73 13.92 -13.74
CA ILE A 136 5.70 13.90 -13.81
C ILE A 136 6.62 13.74 -14.96
C ILE A 136 6.63 13.75 -14.99
N PRO A 137 6.46 14.53 -16.07
CA PRO A 137 7.33 14.29 -17.21
C PRO A 137 8.80 14.40 -16.85
N GLY A 138 9.18 15.46 -16.16
CA GLY A 138 10.60 15.61 -15.82
C GLY A 138 11.05 14.64 -14.71
N PHE A 139 10.12 14.20 -13.90
CA PHE A 139 10.49 13.24 -12.85
C PHE A 139 10.80 11.88 -13.51
N ILE A 140 9.97 11.48 -14.48
N ILE A 140 9.94 11.49 -14.47
CA ILE A 140 10.27 10.24 -15.17
CA ILE A 140 10.19 10.24 -15.23
C ILE A 140 11.56 10.36 -15.99
C ILE A 140 11.55 10.37 -15.98
N GLU A 141 11.80 11.52 -16.59
CA GLU A 141 13.12 11.66 -17.31
C GLU A 141 14.28 11.53 -16.32
N ILE A 142 14.25 12.06 -15.11
CA ILE A 142 15.28 11.87 -14.12
C ILE A 142 15.44 10.37 -13.82
N LEU A 143 14.32 9.68 -13.63
CA LEU A 143 14.41 8.25 -13.35
C LEU A 143 15.06 7.49 -14.49
N ARG A 144 14.73 7.84 -15.70
CA ARG A 144 15.33 7.23 -16.89
C ARG A 144 16.77 7.53 -17.13
N ASN A 145 17.21 8.64 -16.62
CA ASN A 145 18.67 9.05 -16.73
C ASN A 145 19.49 8.39 -15.67
N LYS A 146 18.86 7.66 -14.70
CA LYS A 146 19.62 6.94 -13.69
CA LYS A 146 19.62 6.96 -13.70
C LYS A 146 20.28 5.73 -14.31
N GLU A 147 21.48 5.36 -13.83
CA GLU A 147 22.21 4.28 -14.40
C GLU A 147 21.92 2.94 -13.69
N SER A 148 21.23 3.00 -12.56
CA SER A 148 20.83 1.78 -11.89
C SER A 148 19.47 2.02 -11.22
N LEU A 149 18.71 0.92 -11.04
CA LEU A 149 17.37 1.00 -10.53
C LEU A 149 17.39 1.01 -8.99
N ASN A 150 16.62 1.95 -8.40
CA ASN A 150 16.37 1.94 -6.95
C ASN A 150 14.86 1.57 -6.74
N MET A 151 14.63 0.88 -5.63
CA MET A 151 13.22 0.48 -5.33
C MET A 151 12.34 1.71 -5.20
N SER A 152 12.87 2.81 -4.63
N SER A 152 12.86 2.78 -4.62
CA SER A 152 12.11 3.99 -4.50
CA SER A 152 12.10 3.98 -4.46
C SER A 152 11.74 4.66 -5.79
C SER A 152 11.70 4.67 -5.77
N ASP A 153 12.37 4.29 -6.87
CA ASP A 153 12.01 4.78 -8.21
C ASP A 153 10.59 4.39 -8.60
N TYR A 154 10.29 3.10 -8.34
CA TYR A 154 9.08 2.52 -8.85
C TYR A 154 8.03 2.14 -7.82
N ASP A 155 8.40 2.06 -6.52
CA ASP A 155 7.51 1.33 -5.60
C ASP A 155 6.30 2.14 -5.15
N VAL A 156 5.40 1.45 -4.41
CA VAL A 156 4.16 2.04 -3.97
C VAL A 156 4.31 3.06 -2.85
N ILE A 157 5.50 3.07 -2.20
CA ILE A 157 5.73 3.92 -1.04
C ILE A 157 6.18 5.32 -1.54
N GLU A 158 7.39 5.32 -2.16
CA GLU A 158 8.04 6.58 -2.63
C GLU A 158 8.02 6.70 -4.17
N GLY A 159 7.76 5.64 -4.90
CA GLY A 159 7.92 5.62 -6.33
C GLY A 159 6.72 5.85 -7.18
N VAL A 160 6.89 5.56 -8.45
CA VAL A 160 5.88 5.95 -9.41
C VAL A 160 4.57 5.13 -9.25
N CYS A 161 4.65 3.90 -8.75
CA CYS A 161 3.40 3.14 -8.52
C CYS A 161 2.50 3.87 -7.56
N GLY A 162 3.03 4.48 -6.51
CA GLY A 162 2.19 5.25 -5.67
C GLY A 162 1.55 6.45 -6.27
N ILE A 163 2.35 7.14 -7.11
CA ILE A 163 1.77 8.26 -7.90
C ILE A 163 0.62 7.79 -8.78
N ALA A 164 0.83 6.64 -9.43
CA ALA A 164 -0.19 6.07 -10.25
C ALA A 164 -1.48 5.71 -9.51
N ASN A 165 -1.27 5.28 -8.24
CA ASN A 165 -2.46 4.95 -7.41
C ASN A 165 -3.30 6.20 -7.15
N TYR A 166 -2.67 7.35 -7.03
CA TYR A 166 -3.44 8.62 -6.95
C TYR A 166 -4.05 8.98 -8.28
N CYS A 167 -3.27 8.89 -9.37
CA CYS A 167 -3.80 9.22 -10.63
C CYS A 167 -5.09 8.47 -11.02
N MET A 168 -5.10 7.16 -10.60
CA MET A 168 -6.25 6.30 -10.96
C MET A 168 -7.53 6.68 -10.31
N LEU A 169 -7.51 7.62 -9.38
CA LEU A 169 -8.71 8.20 -8.80
C LEU A 169 -9.46 9.08 -9.72
N PHE A 170 -8.86 9.45 -10.89
CA PHE A 170 -9.42 10.45 -11.78
C PHE A 170 -9.51 9.95 -13.19
N PRO A 171 -10.29 8.80 -13.39
CA PRO A 171 -10.36 8.23 -14.73
C PRO A 171 -10.93 9.07 -15.83
N ASN A 172 -11.74 10.06 -15.48
CA ASN A 172 -12.34 10.90 -16.46
C ASN A 172 -11.44 12.18 -16.80
N ASN A 173 -10.30 12.28 -16.14
CA ASN A 173 -9.44 13.47 -16.26
C ASN A 173 -8.31 13.09 -17.21
N GLU A 174 -8.37 13.70 -18.42
CA GLU A 174 -7.43 13.42 -19.54
CA GLU A 174 -7.43 13.32 -19.52
C GLU A 174 -5.97 13.61 -19.09
N GLU A 175 -5.78 14.70 -18.30
CA GLU A 175 -4.40 15.08 -17.91
C GLU A 175 -3.84 14.18 -16.81
N MET A 176 -4.68 13.75 -15.86
CA MET A 176 -4.20 12.76 -14.89
C MET A 176 -3.99 11.41 -15.54
N LYS A 177 -4.81 11.13 -16.58
CA LYS A 177 -4.65 9.85 -17.27
C LYS A 177 -3.30 9.86 -18.10
N GLN A 178 -2.95 11.06 -18.63
CA GLN A 178 -1.62 11.20 -19.36
C GLN A 178 -0.48 11.03 -18.37
N ALA A 179 -0.59 11.57 -17.16
CA ALA A 179 0.47 11.33 -16.12
C ALA A 179 0.57 9.81 -15.88
N LEU A 180 -0.59 9.13 -15.73
CA LEU A 180 -0.58 7.70 -15.56
C LEU A 180 0.06 7.02 -16.72
N ARG A 181 -0.29 7.44 -17.97
CA ARG A 181 0.26 6.84 -19.18
C ARG A 181 1.82 6.89 -19.17
N LEU A 182 2.34 8.02 -18.78
CA LEU A 182 3.82 8.16 -18.65
C LEU A 182 4.42 7.20 -17.67
N ILE A 183 3.75 7.07 -16.53
CA ILE A 183 4.19 6.14 -15.47
C ILE A 183 4.20 4.66 -16.03
N VAL A 184 3.05 4.32 -16.63
CA VAL A 184 2.92 2.95 -17.18
C VAL A 184 4.03 2.65 -18.22
N GLY A 185 4.28 3.65 -19.09
CA GLY A 185 5.35 3.44 -20.05
C GLY A 185 6.71 3.18 -19.45
N TYR A 186 6.96 3.91 -18.36
CA TYR A 186 8.22 3.74 -17.57
C TYR A 186 8.31 2.34 -16.92
N ILE A 187 7.17 1.93 -16.31
CA ILE A 187 7.18 0.60 -15.64
C ILE A 187 7.41 -0.47 -16.72
N ILE A 188 6.80 -0.30 -17.91
CA ILE A 188 7.03 -1.27 -19.00
C ILE A 188 8.52 -1.32 -19.40
N GLU A 189 9.18 -0.15 -19.41
CA GLU A 189 10.63 -0.18 -19.71
C GLU A 189 11.37 -0.93 -18.62
N LEU A 190 11.00 -0.82 -17.35
CA LEU A 190 11.65 -1.56 -16.26
C LEU A 190 11.38 -3.11 -16.39
N CYS A 191 10.35 -3.46 -17.10
CA CYS A 191 10.09 -4.89 -17.30
C CYS A 191 10.79 -5.49 -18.45
N LYS A 192 11.57 -4.69 -19.20
CA LYS A 192 12.35 -5.25 -20.31
C LYS A 192 13.61 -6.01 -19.71
N ASP A 193 13.90 -7.15 -20.33
CA ASP A 193 15.03 -7.97 -19.96
C ASP A 193 16.33 -7.18 -20.04
N LYS A 194 17.21 -7.48 -19.14
CA LYS A 194 18.57 -7.00 -19.16
C LYS A 194 19.48 -8.15 -19.55
N THR A 195 20.65 -7.83 -20.10
CA THR A 195 21.68 -8.85 -20.43
C THR A 195 22.97 -8.46 -19.83
N ILE A 196 23.61 -9.35 -19.09
CA ILE A 196 24.91 -9.11 -18.48
C ILE A 196 25.79 -10.29 -18.83
N ASN A 197 26.91 -10.03 -19.51
CA ASN A 197 27.79 -11.08 -20.06
C ASN A 197 27.03 -12.22 -20.69
N GLY A 198 26.08 -11.84 -21.52
CA GLY A 198 25.38 -12.80 -22.31
C GLY A 198 24.24 -13.55 -21.60
N LEU A 199 23.98 -13.19 -20.32
CA LEU A 199 22.98 -13.84 -19.46
C LEU A 199 21.78 -12.86 -19.26
N VAL A 200 20.60 -13.37 -19.42
CA VAL A 200 19.42 -12.55 -19.33
CA VAL A 200 19.46 -12.54 -19.32
C VAL A 200 18.95 -12.51 -17.88
N LEU A 201 18.43 -11.37 -17.41
CA LEU A 201 17.86 -11.23 -16.15
C LEU A 201 16.75 -10.20 -16.17
N PRO A 202 15.78 -10.30 -15.24
CA PRO A 202 14.71 -9.37 -15.24
C PRO A 202 15.15 -7.89 -15.02
N GLY A 203 14.35 -7.02 -15.64
CA GLY A 203 14.68 -5.58 -15.61
C GLY A 203 14.51 -5.05 -14.20
N TRP A 204 13.78 -5.65 -13.29
CA TRP A 204 13.59 -5.20 -11.94
C TRP A 204 14.61 -5.65 -10.90
N TYR A 205 15.76 -6.15 -11.40
CA TYR A 205 16.88 -6.44 -10.55
C TYR A 205 17.31 -5.26 -9.72
N ILE A 206 17.61 -5.51 -8.43
CA ILE A 206 18.14 -4.49 -7.56
C ILE A 206 19.52 -4.96 -7.12
N SER A 207 20.52 -4.17 -7.44
CA SER A 207 21.87 -4.55 -7.13
C SER A 207 22.13 -4.55 -5.60
N ALA A 208 23.27 -5.16 -5.20
CA ALA A 208 23.64 -5.21 -3.83
C ALA A 208 23.80 -3.72 -3.33
N GLU A 209 24.41 -2.85 -4.14
CA GLU A 209 24.69 -1.46 -3.71
C GLU A 209 23.38 -0.69 -3.52
N ASN A 210 22.28 -1.14 -4.14
CA ASN A 210 21.03 -0.43 -4.07
C ASN A 210 20.02 -1.07 -3.14
N GLN A 211 20.52 -1.88 -2.26
CA GLN A 211 19.67 -2.35 -1.13
C GLN A 211 19.47 -1.12 -0.19
N PHE A 212 18.44 -1.25 0.66
CA PHE A 212 18.14 -0.16 1.59
C PHE A 212 19.07 -0.01 2.75
N SER A 213 19.83 -1.02 3.04
CA SER A 213 20.66 -1.05 4.24
C SER A 213 21.87 -1.96 4.00
N LYS A 214 22.89 -1.71 4.80
CA LYS A 214 24.04 -2.63 4.93
C LYS A 214 23.69 -4.07 5.27
N VAL A 215 22.74 -4.24 6.22
CA VAL A 215 22.23 -5.55 6.61
C VAL A 215 21.74 -6.22 5.32
N ASP A 216 20.88 -5.53 4.56
CA ASP A 216 20.31 -6.12 3.36
C ASP A 216 21.39 -6.39 2.31
N GLN A 217 22.41 -5.55 2.19
CA GLN A 217 23.49 -5.74 1.27
C GLN A 217 24.27 -7.05 1.56
N LYS A 218 24.40 -7.40 2.85
CA LYS A 218 25.00 -8.68 3.27
C LYS A 218 24.06 -9.89 3.07
N LEU A 219 22.74 -9.68 3.12
CA LEU A 219 21.80 -10.73 2.81
C LEU A 219 21.79 -11.04 1.32
N TRP A 220 21.91 -10.00 0.49
CA TRP A 220 21.81 -10.14 -0.95
C TRP A 220 23.11 -9.54 -1.60
N PRO A 221 24.26 -10.21 -1.43
CA PRO A 221 25.49 -9.65 -1.90
C PRO A 221 25.67 -9.57 -3.44
N GLU A 222 24.84 -10.31 -4.12
CA GLU A 222 24.71 -10.29 -5.56
C GLU A 222 23.42 -9.62 -6.03
N GLY A 223 22.75 -8.94 -5.13
CA GLY A 223 21.47 -8.28 -5.46
C GLY A 223 20.27 -9.29 -5.44
N CYS A 224 19.12 -8.78 -5.80
CA CYS A 224 17.88 -9.56 -5.63
C CYS A 224 16.80 -8.89 -6.45
N PHE A 225 15.64 -9.59 -6.39
CA PHE A 225 14.42 -9.08 -6.92
C PHE A 225 13.42 -8.95 -5.74
N ASN A 226 12.92 -7.77 -5.48
CA ASN A 226 12.04 -7.55 -4.32
C ASN A 226 10.62 -7.94 -4.73
N ILE A 227 9.98 -8.83 -3.95
CA ILE A 227 8.65 -9.30 -4.21
C ILE A 227 7.68 -8.89 -3.18
N GLY A 228 7.92 -7.93 -2.29
CA GLY A 228 6.94 -7.34 -1.41
C GLY A 228 6.05 -6.40 -2.15
N LEU A 229 4.78 -6.26 -1.73
CA LEU A 229 3.95 -5.20 -2.32
C LEU A 229 4.53 -3.77 -1.97
N SER A 230 5.10 -3.61 -0.77
CA SER A 230 5.64 -2.28 -0.46
C SER A 230 6.70 -1.78 -1.47
N HIS A 231 7.61 -2.67 -1.83
CA HIS A 231 8.87 -2.29 -2.43
C HIS A 231 9.24 -3.04 -3.70
N GLY A 232 8.28 -3.87 -4.19
CA GLY A 232 8.58 -4.85 -5.17
C GLY A 232 7.56 -5.10 -6.24
N VAL A 233 7.76 -6.24 -6.90
CA VAL A 233 7.01 -6.65 -8.12
C VAL A 233 5.53 -6.49 -7.99
N PRO A 234 4.90 -6.93 -6.84
CA PRO A 234 3.42 -6.87 -6.78
C PRO A 234 2.89 -5.49 -7.07
N GLY A 235 3.61 -4.42 -6.63
CA GLY A 235 3.11 -3.06 -6.82
C GLY A 235 3.03 -2.72 -8.32
N MET A 236 4.13 -3.07 -9.03
CA MET A 236 4.17 -2.89 -10.49
CA MET A 236 4.24 -2.88 -10.50
C MET A 236 3.10 -3.62 -11.24
N LEU A 237 2.92 -4.91 -10.83
CA LEU A 237 1.87 -5.76 -11.43
C LEU A 237 0.50 -5.15 -11.24
N LEU A 238 0.23 -4.67 -10.05
CA LEU A 238 -1.06 -4.00 -9.78
C LEU A 238 -1.32 -2.79 -10.62
N VAL A 239 -0.27 -1.92 -10.68
CA VAL A 239 -0.48 -0.72 -11.50
C VAL A 239 -0.66 -1.02 -12.94
N LEU A 240 0.12 -1.97 -13.50
CA LEU A 240 -0.01 -2.31 -14.92
C LEU A 240 -1.44 -2.83 -15.17
N CYS A 241 -1.99 -3.73 -14.32
CA CYS A 241 -3.31 -4.25 -14.48
C CYS A 241 -4.37 -3.19 -14.27
N ASN A 242 -4.29 -2.48 -13.14
CA ASN A 242 -5.31 -1.51 -12.80
C ASN A 242 -5.45 -0.38 -13.78
N SER A 243 -4.28 0.01 -14.36
CA SER A 243 -4.31 1.12 -15.33
C SER A 243 -5.12 0.88 -16.61
N THR A 244 -5.36 -0.45 -16.89
CA THR A 244 -6.07 -0.77 -18.10
C THR A 244 -7.59 -0.40 -17.99
N LYS A 245 -8.09 -0.26 -16.74
CA LYS A 245 -9.59 -0.07 -16.56
C LYS A 245 -10.01 1.21 -17.24
N CYS A 246 -9.20 2.33 -17.06
CA CYS A 246 -9.52 3.61 -17.74
C CYS A 246 -9.18 3.67 -19.18
N GLY A 247 -8.52 2.63 -19.72
CA GLY A 247 -8.18 2.57 -21.09
C GLY A 247 -6.69 2.64 -21.45
N ILE A 248 -5.77 2.60 -20.51
CA ILE A 248 -4.34 2.60 -20.89
C ILE A 248 -3.99 1.16 -21.36
N HIS A 249 -3.49 1.06 -22.63
CA HIS A 249 -3.13 -0.19 -23.19
C HIS A 249 -1.91 0.06 -24.10
N LEU A 250 -0.75 0.13 -23.54
CA LEU A 250 0.45 0.50 -24.32
C LEU A 250 1.08 -0.74 -24.95
N GLU A 251 1.98 -0.48 -25.88
CA GLU A 251 2.82 -1.52 -26.43
C GLU A 251 3.57 -2.19 -25.31
N ASP A 252 3.50 -3.53 -25.32
CA ASP A 252 4.19 -4.38 -24.40
C ASP A 252 3.65 -4.40 -22.97
N GLN A 253 2.49 -3.77 -22.79
CA GLN A 253 1.85 -3.74 -21.46
C GLN A 253 1.40 -5.18 -21.01
N ASP A 254 0.74 -5.89 -21.91
CA ASP A 254 0.28 -7.26 -21.54
C ASP A 254 1.50 -8.14 -21.37
N ASP A 255 2.52 -7.96 -22.26
CA ASP A 255 3.69 -8.80 -22.10
CA ASP A 255 3.71 -8.76 -22.12
C ASP A 255 4.33 -8.58 -20.71
N SER A 256 4.36 -7.32 -20.27
CA SER A 256 4.95 -7.00 -18.99
C SER A 256 4.16 -7.58 -17.82
N ILE A 257 2.81 -7.47 -17.90
CA ILE A 257 1.94 -8.10 -16.89
C ILE A 257 2.23 -9.62 -16.80
N ASN A 258 2.32 -10.24 -17.97
CA ASN A 258 2.69 -11.68 -17.99
C ASN A 258 3.95 -12.00 -17.39
N LYS A 259 4.97 -11.16 -17.69
N LYS A 259 4.97 -11.16 -17.71
CA LYS A 259 6.31 -11.40 -17.15
CA LYS A 259 6.32 -11.38 -17.16
C LYS A 259 6.33 -11.30 -15.62
C LYS A 259 6.30 -11.30 -15.64
N LEU A 260 5.65 -10.26 -15.11
CA LEU A 260 5.67 -10.04 -13.65
C LEU A 260 4.97 -11.21 -12.85
N VAL A 261 3.70 -11.47 -13.33
CA VAL A 261 2.93 -12.51 -12.68
C VAL A 261 3.59 -13.85 -12.83
N ASP A 262 4.16 -14.13 -14.00
CA ASP A 262 4.89 -15.39 -14.21
C ASP A 262 6.06 -15.52 -13.25
N PHE A 263 6.73 -14.37 -13.02
CA PHE A 263 7.82 -14.39 -12.08
C PHE A 263 7.32 -14.71 -10.65
N LEU A 264 6.24 -14.09 -10.21
CA LEU A 264 5.73 -14.40 -8.89
C LEU A 264 5.26 -15.87 -8.79
N ILE A 265 4.66 -16.36 -9.85
CA ILE A 265 4.14 -17.75 -9.79
C ILE A 265 5.35 -18.70 -9.72
N LYS A 266 6.39 -18.46 -10.54
CA LYS A 266 7.57 -19.35 -10.52
C LYS A 266 8.23 -19.33 -9.19
N PHE A 267 8.47 -18.11 -8.65
CA PHE A 267 9.25 -17.98 -7.47
C PHE A 267 8.52 -17.92 -6.15
N HIS A 268 7.78 -19.05 -5.95
CA HIS A 268 7.22 -19.28 -4.63
C HIS A 268 7.07 -20.84 -4.42
N ILE A 269 7.06 -21.21 -3.17
CA ILE A 269 6.85 -22.60 -2.81
C ILE A 269 5.37 -22.92 -2.86
N SER A 270 5.01 -23.99 -3.62
CA SER A 270 3.59 -24.38 -3.71
C SER A 270 3.57 -25.93 -3.94
N ASN A 271 3.09 -26.59 -2.90
CA ASN A 271 2.95 -28.04 -2.95
C ASN A 271 1.72 -28.43 -2.13
N ASP A 272 1.62 -29.71 -1.71
CA ASP A 272 0.45 -30.20 -1.01
C ASP A 272 0.41 -29.74 0.46
N LYS A 273 1.51 -29.20 0.98
CA LYS A 273 1.61 -28.78 2.38
C LYS A 273 1.61 -27.28 2.54
N GLU A 274 2.19 -26.51 1.58
CA GLU A 274 2.31 -25.06 1.72
C GLU A 274 2.27 -24.41 0.39
N ASN A 275 1.91 -23.10 0.45
CA ASN A 275 1.77 -22.32 -0.78
C ASN A 275 1.86 -20.86 -0.30
N TYR A 276 3.09 -20.31 -0.41
CA TYR A 276 3.36 -18.99 0.23
C TYR A 276 4.46 -18.27 -0.53
N TRP A 277 4.45 -16.93 -0.41
CA TRP A 277 5.54 -16.09 -0.96
C TRP A 277 6.41 -15.62 0.18
N GLY A 278 7.71 -15.53 -0.16
CA GLY A 278 8.71 -14.83 0.62
C GLY A 278 8.78 -13.33 0.27
N SER A 279 9.86 -12.65 0.70
CA SER A 279 10.01 -11.21 0.51
C SER A 279 10.90 -10.80 -0.68
N HIS A 280 11.88 -11.61 -0.97
CA HIS A 280 12.91 -11.28 -1.87
C HIS A 280 13.38 -12.56 -2.55
N ILE A 281 13.73 -12.48 -3.84
CA ILE A 281 14.32 -13.58 -4.57
C ILE A 281 15.80 -13.18 -4.83
N SER A 282 16.74 -13.92 -4.27
CA SER A 282 18.12 -13.62 -4.54
C SER A 282 18.49 -13.91 -5.95
N LEU A 283 19.63 -13.31 -6.40
CA LEU A 283 20.11 -13.64 -7.77
C LEU A 283 20.39 -15.16 -7.85
N GLU A 284 20.92 -15.73 -6.79
CA GLU A 284 21.21 -17.18 -6.80
C GLU A 284 19.94 -18.05 -6.97
N GLU A 285 18.88 -17.66 -6.26
CA GLU A 285 17.60 -18.37 -6.40
C GLU A 285 17.11 -18.24 -7.84
N TYR A 286 17.22 -17.02 -8.38
CA TYR A 286 16.85 -16.80 -9.76
C TYR A 286 17.67 -17.73 -10.67
N ARG A 287 18.99 -17.75 -10.49
CA ARG A 287 19.76 -18.58 -11.35
C ARG A 287 19.46 -20.08 -11.23
N GLU A 288 19.16 -20.53 -10.00
CA GLU A 288 18.83 -21.96 -9.78
C GLU A 288 17.41 -22.26 -10.20
N GLY A 289 16.53 -21.28 -10.38
CA GLY A 289 15.11 -21.50 -10.76
C GLY A 289 14.26 -21.96 -9.59
N LYS A 290 14.73 -21.76 -8.34
CA LYS A 290 14.01 -22.30 -7.23
C LYS A 290 14.18 -21.41 -6.04
N VAL A 291 13.17 -21.27 -5.20
CA VAL A 291 13.27 -20.54 -4.02
C VAL A 291 13.63 -21.38 -2.88
N ASN A 292 14.35 -20.83 -1.97
CA ASN A 292 14.54 -21.43 -0.66
C ASN A 292 13.32 -21.30 0.24
N SER A 293 13.16 -22.25 1.16
N SER A 293 13.17 -22.26 1.15
CA SER A 293 12.17 -22.09 2.25
CA SER A 293 12.18 -22.12 2.23
C SER A 293 12.59 -20.89 3.06
C SER A 293 12.59 -20.92 3.09
N THR A 294 11.61 -20.11 3.49
CA THR A 294 11.84 -18.93 4.38
C THR A 294 10.75 -18.83 5.39
N ASN A 295 11.07 -18.14 6.50
CA ASN A 295 10.09 -17.77 7.53
C ASN A 295 9.47 -16.43 7.08
N SER A 296 8.42 -16.53 6.31
CA SER A 296 7.90 -15.36 5.62
C SER A 296 6.69 -14.81 6.40
N ARG A 297 6.77 -13.57 6.92
N ARG A 297 6.80 -13.59 6.90
CA ARG A 297 5.66 -12.95 7.67
CA ARG A 297 5.70 -12.90 7.58
C ARG A 297 4.48 -12.72 6.70
C ARG A 297 4.47 -12.74 6.67
N ASP A 298 3.24 -12.86 7.24
CA ASP A 298 2.04 -12.80 6.48
C ASP A 298 1.47 -11.40 6.48
N ALA A 299 2.17 -10.47 5.78
CA ALA A 299 1.87 -9.05 5.87
C ALA A 299 1.50 -8.49 4.49
N TRP A 300 0.96 -7.23 4.55
CA TRP A 300 0.85 -6.40 3.36
C TRP A 300 2.23 -6.02 2.81
N CYS A 301 3.12 -5.50 3.65
CA CYS A 301 4.34 -4.91 3.09
C CYS A 301 5.23 -5.89 2.43
N TYR A 302 5.32 -7.09 3.02
CA TYR A 302 6.06 -8.22 2.50
C TYR A 302 5.28 -9.48 2.94
N GLY A 303 5.33 -10.41 1.97
CA GLY A 303 4.77 -11.76 2.21
C GLY A 303 3.45 -11.98 1.52
N THR A 304 2.86 -13.12 1.93
CA THR A 304 1.85 -13.72 1.08
C THR A 304 0.59 -12.85 0.83
N PRO A 305 0.08 -12.15 1.88
CA PRO A 305 -1.17 -11.38 1.53
C PRO A 305 -1.01 -10.35 0.44
N GLY A 306 0.13 -9.52 0.48
CA GLY A 306 0.34 -8.54 -0.57
C GLY A 306 0.63 -9.15 -1.91
N ALA A 307 1.53 -10.21 -1.90
CA ALA A 307 1.90 -10.83 -3.16
C ALA A 307 0.72 -11.56 -3.80
N ALA A 308 -0.02 -12.34 -2.97
CA ALA A 308 -1.19 -13.07 -3.44
C ALA A 308 -2.28 -12.13 -3.98
N TYR A 309 -2.46 -10.97 -3.31
CA TYR A 309 -3.41 -10.03 -3.83
C TYR A 309 -3.11 -9.60 -5.27
N SER A 310 -1.74 -9.31 -5.49
CA SER A 310 -1.39 -8.91 -6.88
C SER A 310 -1.57 -9.98 -7.89
N VAL A 311 -1.33 -11.27 -7.46
CA VAL A 311 -1.53 -12.41 -8.37
C VAL A 311 -3.06 -12.62 -8.62
N LEU A 312 -3.88 -12.35 -7.63
CA LEU A 312 -5.35 -12.41 -7.78
C LEU A 312 -5.81 -11.47 -8.84
N ILE A 313 -5.36 -10.14 -8.74
CA ILE A 313 -5.78 -9.13 -9.70
C ILE A 313 -5.28 -9.45 -11.11
N ALA A 314 -4.02 -9.89 -11.19
CA ALA A 314 -3.52 -10.24 -12.45
C ALA A 314 -4.28 -11.45 -13.10
N GLY A 315 -4.58 -12.47 -12.26
CA GLY A 315 -5.36 -13.59 -12.71
C GLY A 315 -6.76 -13.18 -13.26
N LYS A 316 -7.35 -12.22 -12.55
CA LYS A 316 -8.63 -11.63 -13.03
C LYS A 316 -8.47 -10.97 -14.38
N TYR A 317 -7.41 -10.15 -14.44
CA TYR A 317 -7.21 -9.41 -15.70
C TYR A 317 -6.94 -10.31 -16.91
N LEU A 318 -6.11 -11.34 -16.67
CA LEU A 318 -5.72 -12.28 -17.70
C LEU A 318 -6.72 -13.42 -17.92
N ASN A 319 -7.75 -13.48 -17.11
CA ASN A 319 -8.74 -14.57 -17.10
C ASN A 319 -8.03 -15.91 -16.98
N ASN A 320 -7.15 -15.97 -15.97
CA ASN A 320 -6.39 -17.20 -15.73
C ASN A 320 -6.79 -17.78 -14.38
N MET A 321 -7.65 -18.82 -14.44
N MET A 321 -7.66 -18.80 -14.45
CA MET A 321 -8.21 -19.42 -13.23
CA MET A 321 -8.22 -19.39 -13.25
C MET A 321 -7.20 -20.07 -12.33
C MET A 321 -7.21 -20.07 -12.34
N GLU A 322 -6.21 -20.69 -12.95
CA GLU A 322 -5.14 -21.34 -12.22
C GLU A 322 -4.44 -20.30 -11.29
N TYR A 323 -4.20 -19.10 -11.86
CA TYR A 323 -3.55 -18.05 -11.08
C TYR A 323 -4.44 -17.46 -9.97
N ILE A 324 -5.73 -17.30 -10.29
CA ILE A 324 -6.70 -16.89 -9.29
C ILE A 324 -6.76 -17.88 -8.14
N ASP A 325 -6.87 -19.19 -8.50
CA ASP A 325 -6.94 -20.23 -7.48
C ASP A 325 -5.69 -20.39 -6.62
N GLU A 326 -4.53 -20.13 -7.26
CA GLU A 326 -3.24 -20.12 -6.52
C GLU A 326 -3.24 -19.04 -5.47
N ALA A 327 -3.63 -17.82 -5.91
CA ALA A 327 -3.71 -16.71 -4.98
C ALA A 327 -4.64 -16.93 -3.84
N VAL A 328 -5.86 -17.45 -4.17
CA VAL A 328 -6.86 -17.74 -3.21
C VAL A 328 -6.33 -18.75 -2.18
N ASN A 329 -5.75 -19.84 -2.67
N ASN A 329 -5.71 -19.83 -2.64
CA ASN A 329 -5.24 -20.86 -1.76
CA ASN A 329 -5.22 -20.87 -1.74
C ASN A 329 -4.10 -20.33 -0.88
C ASN A 329 -4.11 -20.33 -0.85
N ALA A 330 -3.21 -19.51 -1.45
CA ALA A 330 -2.16 -18.89 -0.62
C ALA A 330 -2.64 -17.97 0.56
N MET A 331 -3.66 -17.14 0.10
CA MET A 331 -4.27 -16.22 1.05
C MET A 331 -4.96 -16.94 2.17
N LYS A 332 -5.70 -18.04 1.81
CA LYS A 332 -6.29 -18.81 2.87
C LYS A 332 -5.26 -19.40 3.84
N GLY A 333 -4.13 -19.83 3.28
CA GLY A 333 -3.10 -20.28 4.14
C GLY A 333 -2.51 -19.24 5.08
N ALA A 334 -2.34 -18.01 4.50
CA ALA A 334 -1.85 -16.90 5.32
C ALA A 334 -2.79 -16.41 6.45
N ILE A 335 -4.11 -16.48 6.14
CA ILE A 335 -5.15 -16.19 7.13
C ILE A 335 -5.05 -17.15 8.34
N ASN A 336 -4.80 -18.44 7.99
CA ASN A 336 -4.74 -19.48 8.99
C ASN A 336 -3.40 -19.44 9.79
N ARG A 337 -2.33 -19.04 9.12
CA ARG A 337 -1.01 -19.05 9.71
C ARG A 337 -0.64 -17.81 10.49
N LEU A 338 -0.90 -16.63 9.91
CA LEU A 338 -0.59 -15.36 10.58
C LEU A 338 0.87 -15.24 11.11
N ARG A 339 1.79 -15.70 10.28
CA ARG A 339 3.15 -15.81 10.69
C ARG A 339 3.76 -14.39 11.00
N ASP A 340 4.27 -14.31 12.21
CA ASP A 340 4.79 -13.06 12.76
C ASP A 340 3.87 -11.84 12.65
N ILE A 341 2.59 -12.05 12.87
CA ILE A 341 1.61 -10.98 12.87
C ILE A 341 1.10 -10.88 14.28
N TYR A 342 1.35 -9.74 14.91
CA TYR A 342 0.89 -9.55 16.30
C TYR A 342 0.41 -8.12 16.65
N SER A 343 0.82 -7.11 15.86
CA SER A 343 0.42 -5.72 16.05
C SER A 343 -0.97 -5.59 15.40
N PRO A 344 -1.78 -4.65 15.94
CA PRO A 344 -3.04 -4.38 15.26
C PRO A 344 -2.96 -3.51 13.97
N THR A 345 -1.77 -2.88 13.71
CA THR A 345 -1.72 -1.89 12.66
C THR A 345 -1.62 -2.49 11.27
N PHE A 346 -1.55 -1.63 10.27
CA PHE A 346 -1.77 -2.05 8.91
C PHE A 346 -0.56 -2.74 8.26
N CYS A 347 0.59 -2.06 8.23
CA CYS A 347 1.72 -2.48 7.44
C CYS A 347 2.03 -3.97 7.50
N HIS A 348 2.24 -4.46 8.74
CA HIS A 348 2.54 -5.84 8.93
C HIS A 348 1.91 -6.33 10.24
N GLY A 349 0.70 -5.80 10.44
CA GLY A 349 -0.15 -6.27 11.47
C GLY A 349 -1.50 -6.79 11.01
N PHE A 350 -2.39 -6.99 11.99
CA PHE A 350 -3.69 -7.65 11.65
C PHE A 350 -4.50 -6.82 10.69
N SER A 351 -4.43 -5.47 10.78
CA SER A 351 -5.32 -4.71 9.89
C SER A 351 -5.07 -4.93 8.43
N GLY A 352 -3.78 -5.08 8.06
CA GLY A 352 -3.47 -5.23 6.61
C GLY A 352 -4.03 -6.58 6.12
N ILE A 353 -3.75 -7.65 6.85
CA ILE A 353 -4.27 -8.94 6.37
C ILE A 353 -5.82 -9.01 6.43
N ALA A 354 -6.41 -8.35 7.40
CA ALA A 354 -7.88 -8.28 7.48
C ALA A 354 -8.42 -7.60 6.27
N TYR A 355 -7.84 -6.43 5.93
CA TYR A 355 -8.36 -5.71 4.76
C TYR A 355 -8.15 -6.43 3.49
N ILE A 356 -6.97 -7.04 3.28
CA ILE A 356 -6.74 -7.80 2.13
C ILE A 356 -7.78 -8.99 2.00
N SER A 357 -8.08 -9.60 3.12
CA SER A 357 -9.17 -10.65 3.13
CA SER A 357 -9.16 -10.63 3.18
C SER A 357 -10.48 -10.08 2.64
N ASN A 358 -10.81 -8.86 3.08
CA ASN A 358 -11.99 -8.18 2.63
C ASN A 358 -12.00 -7.98 1.15
N ARG A 359 -10.80 -7.51 0.63
CA ARG A 359 -10.70 -7.42 -0.83
C ARG A 359 -10.80 -8.71 -1.60
N PHE A 360 -10.21 -9.78 -1.07
CA PHE A 360 -10.39 -11.10 -1.68
C PHE A 360 -11.89 -11.50 -1.73
N TYR A 361 -12.63 -11.14 -0.74
CA TYR A 361 -14.08 -11.33 -0.75
C TYR A 361 -14.75 -10.57 -1.90
N GLU A 362 -14.39 -9.25 -1.95
CA GLU A 362 -14.98 -8.43 -2.96
C GLU A 362 -14.69 -8.90 -4.38
N VAL A 363 -13.43 -9.34 -4.60
CA VAL A 363 -13.04 -9.70 -5.95
C VAL A 363 -13.59 -11.11 -6.31
N THR A 364 -13.39 -12.07 -5.41
CA THR A 364 -13.76 -13.48 -5.71
C THR A 364 -15.23 -13.83 -5.49
N LYS A 365 -15.84 -13.04 -4.60
CA LYS A 365 -17.20 -13.28 -4.08
CA LYS A 365 -17.20 -13.28 -4.08
C LYS A 365 -17.28 -14.45 -3.08
N GLN A 366 -16.16 -15.01 -2.69
CA GLN A 366 -16.18 -16.16 -1.79
C GLN A 366 -16.45 -15.72 -0.40
N GLN A 367 -17.63 -16.10 0.12
CA GLN A 367 -18.00 -15.66 1.44
C GLN A 367 -17.04 -15.99 2.53
N ASP A 368 -16.27 -17.10 2.42
CA ASP A 368 -15.32 -17.42 3.47
C ASP A 368 -14.26 -16.27 3.72
N PHE A 369 -13.98 -15.45 2.67
CA PHE A 369 -13.09 -14.32 2.89
C PHE A 369 -13.70 -13.23 3.71
N LYS A 370 -15.03 -13.06 3.62
CA LYS A 370 -15.69 -12.14 4.52
C LYS A 370 -15.65 -12.63 5.92
N LYS A 371 -15.96 -13.95 6.09
CA LYS A 371 -15.91 -14.45 7.44
C LYS A 371 -14.49 -14.32 8.03
N ALA A 372 -13.48 -14.53 7.20
CA ALA A 372 -12.10 -14.37 7.69
C ALA A 372 -11.79 -12.89 8.05
N ALA A 373 -12.29 -11.98 7.21
CA ALA A 373 -12.10 -10.54 7.57
C ALA A 373 -12.72 -10.15 8.88
N ILE A 374 -13.93 -10.71 9.14
CA ILE A 374 -14.60 -10.45 10.41
C ILE A 374 -13.82 -11.07 11.56
N ASP A 375 -13.39 -12.33 11.39
CA ASP A 375 -12.62 -12.95 12.49
C ASP A 375 -11.28 -12.17 12.78
N LEU A 376 -10.65 -11.66 11.73
CA LEU A 376 -9.50 -10.85 11.96
C LEU A 376 -9.81 -9.52 12.65
N THR A 377 -10.97 -8.94 12.35
CA THR A 377 -11.36 -7.79 13.10
C THR A 377 -11.50 -8.05 14.59
N ASP A 378 -12.06 -9.21 14.90
CA ASP A 378 -12.14 -9.59 16.29
C ASP A 378 -10.76 -9.61 16.99
N LYS A 379 -9.76 -10.10 16.29
CA LYS A 379 -8.41 -10.10 16.83
C LYS A 379 -7.92 -8.67 17.07
N ILE A 380 -8.21 -7.77 16.11
CA ILE A 380 -7.93 -6.39 16.31
C ILE A 380 -8.61 -5.77 17.50
N LEU A 381 -9.92 -6.04 17.60
CA LEU A 381 -10.67 -5.51 18.74
C LEU A 381 -10.13 -6.04 20.11
N GLU A 382 -9.65 -7.28 20.16
CA GLU A 382 -9.09 -7.86 21.43
C GLU A 382 -7.90 -7.04 21.85
N LEU A 383 -7.28 -6.28 20.90
CA LEU A 383 -6.12 -5.40 21.21
C LEU A 383 -6.44 -3.98 21.57
N TYR A 384 -7.68 -3.56 21.43
CA TYR A 384 -8.10 -2.26 21.96
C TYR A 384 -7.90 -2.16 23.44
N ASP A 385 -7.34 -1.04 23.87
CA ASP A 385 -7.04 -0.74 25.27
C ASP A 385 -7.54 0.68 25.54
N GLU A 386 -8.67 0.78 26.27
CA GLU A 386 -9.24 2.08 26.73
C GLU A 386 -8.16 2.97 27.47
N LYS A 387 -7.15 2.35 28.10
CA LYS A 387 -6.06 3.09 28.76
C LYS A 387 -4.98 3.59 27.74
N ALA A 388 -4.84 3.04 26.49
CA ALA A 388 -3.84 3.60 25.52
C ALA A 388 -4.20 5.04 25.09
N PRO A 389 -3.20 5.92 24.99
CA PRO A 389 -3.45 7.27 24.50
C PRO A 389 -4.34 7.36 23.23
N PHE A 390 -4.03 6.53 22.22
CA PHE A 390 -4.82 6.48 21.00
C PHE A 390 -5.72 5.23 20.81
N GLY A 391 -6.08 4.55 21.91
CA GLY A 391 -6.86 3.33 21.90
C GLY A 391 -6.14 2.04 21.46
N PHE A 392 -5.13 2.15 20.56
CA PHE A 392 -4.31 1.05 20.13
C PHE A 392 -2.83 1.46 20.15
N TYR A 393 -2.00 0.42 20.27
CA TYR A 393 -0.55 0.53 20.14
C TYR A 393 -0.07 -0.12 18.86
N ASN A 394 0.93 0.53 18.18
CA ASN A 394 1.71 -0.14 17.20
C ASN A 394 2.74 -0.98 18.01
N MET A 395 2.72 -2.30 17.82
CA MET A 395 3.52 -3.20 18.60
C MET A 395 4.72 -3.65 17.75
N GLU A 396 5.90 -3.51 18.31
CA GLU A 396 7.12 -4.04 17.69
C GLU A 396 7.94 -4.79 18.75
N LYS A 397 8.23 -6.07 18.47
CA LYS A 397 9.17 -6.84 19.27
C LYS A 397 10.58 -6.23 19.24
N SER A 398 11.23 -6.23 20.40
CA SER A 398 12.67 -5.86 20.52
C SER A 398 13.41 -7.04 21.18
N GLU A 399 14.73 -6.87 21.40
CA GLU A 399 15.60 -7.80 22.14
C GLU A 399 15.20 -7.82 23.65
N GLU A 400 14.82 -6.65 24.22
CA GLU A 400 14.33 -6.54 25.62
C GLU A 400 12.91 -7.19 25.80
N GLY A 401 12.08 -7.17 24.74
CA GLY A 401 10.64 -7.63 24.79
C GLY A 401 9.75 -7.03 23.69
N MET A 402 8.72 -6.31 24.08
CA MET A 402 7.71 -5.69 23.15
C MET A 402 7.59 -4.21 23.37
N ASP A 403 7.70 -3.45 22.29
CA ASP A 403 7.45 -2.01 22.35
C ASP A 403 6.02 -1.71 21.93
N TYR A 404 5.44 -0.76 22.65
CA TYR A 404 4.10 -0.28 22.41
C TYR A 404 4.18 1.19 22.08
N LEU A 405 3.97 1.49 20.79
CA LEU A 405 4.11 2.82 20.23
C LEU A 405 2.75 3.48 19.93
N ASP A 406 2.72 4.80 20.27
CA ASP A 406 1.53 5.66 20.09
C ASP A 406 1.71 6.39 18.76
N TYR A 407 1.28 5.74 17.68
CA TYR A 407 1.37 6.24 16.31
C TYR A 407 -0.04 6.54 15.75
N ILE A 408 -0.11 7.57 14.92
CA ILE A 408 -1.41 8.03 14.35
C ILE A 408 -1.63 7.73 12.89
N GLY A 409 -0.54 7.39 12.19
CA GLY A 409 -0.58 7.38 10.73
C GLY A 409 -1.25 6.20 10.12
N ILE A 410 -1.39 6.27 8.80
CA ILE A 410 -2.16 5.25 8.12
C ILE A 410 -1.40 3.95 8.10
N ILE A 411 -0.04 3.98 7.97
CA ILE A 411 0.69 2.78 7.61
C ILE A 411 0.98 2.00 8.88
N ASP A 412 1.35 2.67 9.97
CA ASP A 412 1.77 1.99 11.17
C ASP A 412 1.05 2.49 12.45
N GLY A 413 -0.03 3.23 12.27
CA GLY A 413 -0.69 3.87 13.39
C GLY A 413 -2.17 3.67 13.42
N VAL A 414 -2.87 4.43 14.30
CA VAL A 414 -4.27 4.09 14.59
C VAL A 414 -5.17 4.43 13.45
N THR A 415 -4.83 5.38 12.59
CA THR A 415 -5.70 5.66 11.48
CA THR A 415 -5.75 5.66 11.50
C THR A 415 -6.00 4.44 10.59
N GLY A 416 -4.92 3.69 10.30
CA GLY A 416 -5.09 2.52 9.47
C GLY A 416 -6.03 1.46 10.09
N ILE A 417 -5.94 1.36 11.41
CA ILE A 417 -6.78 0.44 12.17
C ILE A 417 -8.27 0.81 12.03
N ILE A 418 -8.54 2.10 12.30
CA ILE A 418 -9.90 2.64 12.27
C ILE A 418 -10.52 2.48 10.85
N LEU A 419 -9.77 2.81 9.82
CA LEU A 419 -10.24 2.71 8.48
C LEU A 419 -10.63 1.26 8.14
N THR A 420 -9.73 0.34 8.53
CA THR A 420 -9.92 -1.06 8.22
C THR A 420 -11.20 -1.61 8.95
N LEU A 421 -11.29 -1.30 10.27
CA LEU A 421 -12.49 -1.72 11.03
C LEU A 421 -13.79 -1.21 10.36
N LEU A 422 -13.82 0.04 10.05
CA LEU A 422 -14.98 0.64 9.42
C LEU A 422 -15.28 0.04 8.06
N ALA A 423 -14.28 -0.28 7.25
CA ALA A 423 -14.52 -0.80 5.94
C ALA A 423 -15.20 -2.20 6.10
N ILE A 424 -14.63 -3.03 6.94
CA ILE A 424 -15.10 -4.44 7.11
C ILE A 424 -16.48 -4.44 7.74
N GLU A 425 -16.71 -3.60 8.76
CA GLU A 425 -18.03 -3.60 9.45
C GLU A 425 -19.11 -2.97 8.60
N ASN A 426 -18.84 -1.78 7.99
CA ASN A 426 -19.87 -0.92 7.39
C ASN A 426 -19.82 -0.77 5.92
N GLY A 427 -18.65 -1.09 5.36
CA GLY A 427 -18.37 -0.77 4.02
C GLY A 427 -17.55 0.52 3.94
N LYS A 428 -16.50 0.50 3.18
CA LYS A 428 -15.63 1.69 3.04
C LYS A 428 -16.36 2.81 2.39
N LYS A 429 -16.07 4.06 2.82
CA LYS A 429 -16.71 5.24 2.20
C LYS A 429 -15.72 6.01 1.27
N THR A 430 -14.44 6.10 1.63
CA THR A 430 -13.48 6.94 0.94
C THR A 430 -12.45 6.01 0.34
N PRO A 431 -11.71 6.58 -0.67
CA PRO A 431 -10.77 5.74 -1.39
C PRO A 431 -9.37 5.57 -0.78
N TRP A 432 -9.30 5.46 0.53
CA TRP A 432 -8.00 5.46 1.22
C TRP A 432 -7.13 4.27 0.85
N ASP A 433 -7.77 3.16 0.47
CA ASP A 433 -7.04 1.95 0.15
C ASP A 433 -6.14 2.04 -1.06
N CYS A 434 -6.32 3.11 -1.88
CA CYS A 434 -5.36 3.44 -2.94
CA CYS A 434 -5.35 3.26 -3.00
C CYS A 434 -3.92 3.57 -2.45
N ALA A 435 -3.84 4.06 -1.21
CA ALA A 435 -2.49 4.26 -0.61
C ALA A 435 -1.70 2.98 -0.60
N PHE A 436 -2.40 1.86 -0.32
CA PHE A 436 -1.74 0.58 -0.19
C PHE A 436 -1.77 -0.21 -1.50
N SER A 437 -2.26 0.34 -2.60
CA SER A 437 -2.37 -0.30 -3.88
C SER A 437 -3.50 -1.45 -3.83
N LEU A 438 -4.39 -1.33 -2.84
CA LEU A 438 -5.43 -2.38 -2.62
C LEU A 438 -6.76 -1.97 -3.11
N GLN A 439 -6.85 -0.94 -3.93
CA GLN A 439 -8.16 -0.42 -4.32
C GLN A 439 -8.77 -1.14 -5.51
N GLU A 440 -10.12 -1.13 -5.52
CA GLU A 440 -10.87 -1.42 -6.72
C GLU A 440 -10.83 -0.14 -7.61
N VAL A 441 -10.26 -0.18 -8.79
N VAL A 441 -10.31 -0.18 -8.82
CA VAL A 441 -10.22 1.05 -9.62
CA VAL A 441 -10.28 1.07 -9.65
C VAL A 441 -11.51 1.29 -10.42
C VAL A 441 -11.58 1.43 -10.45
N ALA A 442 13.57 -1.45 8.22
CA ALA A 442 13.79 -2.11 6.89
C ALA A 442 13.73 -3.70 7.04
N ALA A 443 14.78 -4.25 7.69
CA ALA A 443 14.75 -5.63 8.19
C ALA A 443 13.56 -5.82 9.18
N ALA A 444 13.27 -4.79 10.01
CA ALA A 444 12.03 -4.78 10.87
C ALA A 444 10.70 -5.07 10.06
N HIS A 445 10.67 -4.84 8.72
CA HIS A 445 9.51 -5.22 7.90
C HIS A 445 9.56 -6.61 7.36
N HIS A 446 10.64 -6.96 6.65
CA HIS A 446 10.77 -8.27 6.02
C HIS A 446 11.25 -9.33 6.95
N ALA A 447 12.24 -9.01 7.81
CA ALA A 447 12.87 -10.05 8.68
C ALA A 447 13.17 -11.41 7.97
N ALA A 448 13.72 -11.40 6.74
CA ALA A 448 13.57 -12.53 5.72
C ALA A 448 14.69 -12.58 4.69
N ALA A 449 15.23 -13.78 4.53
CA ALA A 449 16.07 -14.24 3.40
C ALA A 449 17.52 -13.65 3.35
ZN ZN B . 5.68 -3.43 7.19
NA NA C . 12.73 -5.68 -7.55
NA NA D . 22.49 -14.39 -4.53
C1 MPD E . 15.07 0.80 -18.25
C2 MPD E . 15.40 2.07 -17.53
O2 MPD E . 16.20 2.82 -18.46
CM MPD E . 14.22 2.99 -17.28
C3 MPD E . 16.34 1.77 -16.34
C4 MPD E . 16.50 2.89 -15.29
O4 MPD E . 17.30 2.59 -14.06
C5 MPD E . 17.05 4.08 -15.98
C1 MPD F . 12.95 -13.92 -16.67
C2 MPD F . 13.47 -13.57 -18.08
O2 MPD F . 12.48 -12.66 -18.75
CM MPD F . 14.60 -12.63 -17.80
C3 MPD F . 13.46 -14.76 -19.05
C4 MPD F . 13.49 -16.20 -18.75
O4 MPD F . 14.50 -16.89 -19.49
C5 MPD F . 13.77 -16.54 -17.34
C1 MPD G . -9.45 -4.23 -13.71
C2 MPD G . -8.94 -5.61 -13.35
O2 MPD G . -9.42 -6.64 -14.42
CM MPD G . -7.38 -5.04 -13.13
C3 MPD G . -9.32 -6.18 -11.97
C4 MPD G . -10.63 -7.03 -11.82
O4 MPD G . -10.54 -7.61 -10.49
C5 MPD G . -11.88 -6.12 -11.94
C ACT H . 7.99 0.55 4.54
O ACT H . 9.29 0.45 4.17
OXT ACT H . 7.13 -0.44 4.28
CH3 ACT H . 7.40 1.86 5.07
CL CL I . -8.04 25.23 2.81
#